data_1YFG
#
_entry.id   1YFG
#
_cell.length_a   113.720
_cell.length_b   113.720
_cell.length_c   136.541
_cell.angle_alpha   90.00
_cell.angle_beta   90.00
_cell.angle_gamma   120.00
#
_symmetry.space_group_name_H-M   'P 64 2 2'
#
_entity_poly.entity_id   1
_entity_poly.type   'polyribonucleotide'
_entity_poly.pdbx_seq_one_letter_code
;AGCGCCGU(1MG)(2MG)CGCAG(H2U)GGAAGCGC(M2G)CAGGGCUCAU(T6A)ACCCUGAU(7MG)(H2U)(5MC)
(5MC)UCGGAUCG(1MA)AACCG(RIA)GCGGCGCUACCA
;
_entity_poly.pdbx_strand_id   A
#
loop_
_chem_comp.id
_chem_comp.type
_chem_comp.name
_chem_comp.formula
1MA RNA linking 6-HYDRO-1-METHYLADENOSINE-5'-MONOPHOSPHATE 'C11 H16 N5 O7 P'
1MG RNA linking 1N-METHYLGUANOSINE-5'-MONOPHOSPHATE 'C11 H16 N5 O8 P'
2MG RNA linking 2N-METHYLGUANOSINE-5'-MONOPHOSPHATE 'C11 H16 N5 O8 P'
5MC RNA linking 5-METHYLCYTIDINE-5'-MONOPHOSPHATE 'C10 H16 N3 O8 P'
7MG RNA linking 7N-METHYL-8-HYDROGUANOSINE-5'-MONOPHOSPHATE 'C11 H18 N5 O8 P'
A RNA linking ADENOSINE-5'-MONOPHOSPHATE 'C10 H14 N5 O7 P'
C RNA linking CYTIDINE-5'-MONOPHOSPHATE 'C9 H14 N3 O8 P'
G RNA linking GUANOSINE-5'-MONOPHOSPHATE 'C10 H14 N5 O8 P'
H2U RNA linking 5,6-DIHYDROURIDINE-5'-MONOPHOSPHATE 'C9 H15 N2 O9 P'
M2G RNA linking N2-DIMETHYLGUANOSINE-5'-MONOPHOSPHATE 'C12 H18 N5 O8 P'
RIA RNA linking 2'-O-[(5'-PHOSPHO)RIBOSYL]ADENOSINE-5'-MONOPHOSPHATE 'C15 H23 N5 O14 P2'
T6A RNA linking N-[N-(9-B-D-RIBOFURANOSYLPURIN-6-YL)CARBAMOYL]THREONINE-5'-MONOPHOSPHATE 'C15 H21 N6 O11 P'
U RNA linking URIDINE-5'-MONOPHOSPHATE 'C9 H13 N2 O9 P'
#
# COMPACT_ATOMS: atom_id res chain seq x y z
P 1MG A 9 0.48 -2.11 0.45
OP1 1MG A 9 1.47 -3.07 1.08
OP2 1MG A 9 0.39 -2.02 -0.99
O5' 1MG A 9 -0.92 -2.22 1.15
C5' 1MG A 9 -0.93 -2.41 2.60
C4' 1MG A 9 -2.13 -3.33 2.85
O4' 1MG A 9 -3.31 -2.60 2.54
C3' 1MG A 9 -2.13 -4.58 1.97
O3' 1MG A 9 -2.68 -5.72 2.66
C2' 1MG A 9 -2.99 -4.15 0.80
O2' 1MG A 9 -3.58 -5.31 0.23
C1' 1MG A 9 -4.02 -3.29 1.53
N9 1MG A 9 -4.82 -2.53 0.60
C8 1MG A 9 -4.80 -2.56 -0.78
N7 1MG A 9 -5.68 -1.77 -1.35
C5 1MG A 9 -6.33 -1.19 -0.28
C6 1MG A 9 -7.37 -0.23 -0.23
O6 1MG A 9 -7.94 0.29 -1.20
N1 1MG A 9 -7.75 0.12 1.04
CM1 1MG A 9 -8.83 1.08 1.18
C2 1MG A 9 -7.18 -0.40 2.15
N2 1MG A 9 -7.67 0.05 3.32
N3 1MG A 9 -6.20 -1.30 2.17
C4 1MG A 9 -5.82 -1.64 0.91
P 2MG A 10 -1.78 -6.52 3.75
OP1 2MG A 10 -2.73 -7.24 4.67
OP2 2MG A 10 -1.03 -5.50 4.49
O5' 2MG A 10 -1.00 -7.55 2.83
C5' 2MG A 10 -0.25 -8.72 3.23
C4' 2MG A 10 -0.85 -9.90 2.48
O4' 2MG A 10 -2.22 -9.96 2.82
C3' 2MG A 10 -0.81 -9.80 0.96
O3' 2MG A 10 0.36 -10.43 0.38
C2' 2MG A 10 -2.06 -10.58 0.52
O2' 2MG A 10 -1.66 -11.94 0.40
C1' 2MG A 10 -2.99 -10.34 1.65
N9 2MG A 10 -3.92 -9.28 1.30
C8 2MG A 10 -4.33 -8.23 2.11
N7 2MG A 10 -5.19 -7.43 1.52
C5 2MG A 10 -5.34 -7.97 0.26
C6 2MG A 10 -6.13 -7.56 -0.84
O6 2MG A 10 -6.87 -6.56 -0.86
N1 2MG A 10 -6.03 -8.35 -1.95
C2 2MG A 10 -5.23 -9.46 -1.97
N2 2MG A 10 -5.22 -10.16 -3.12
CM2 2MG A 10 -4.30 -11.30 -2.97
N3 2MG A 10 -4.46 -9.90 -0.98
C4 2MG A 10 -4.56 -9.11 0.11
P H2U A 16 1.99 11.80 -8.69
OP1 H2U A 16 3.04 11.70 -9.78
OP2 H2U A 16 2.57 11.29 -7.37
O5' H2U A 16 1.65 13.34 -8.52
C5' H2U A 16 2.61 14.06 -7.69
C4' H2U A 16 2.58 15.49 -8.19
O4' H2U A 16 2.46 15.51 -9.61
C3' H2U A 16 1.47 16.35 -7.67
O3' H2U A 16 1.87 17.76 -7.57
C1' H2U A 16 1.35 16.32 -10.01
C2' H2U A 16 0.42 16.28 -8.79
O2' H2U A 16 -0.33 17.48 -8.60
N1 H2U A 16 0.79 15.78 -11.22
C2 H2U A 16 0.99 16.46 -12.35
O2 H2U A 16 1.19 17.64 -12.45
N3 H2U A 16 0.67 15.82 -13.55
C4 H2U A 16 0.41 14.49 -13.68
O4 H2U A 16 0.15 13.98 -14.76
C5 H2U A 16 0.49 13.70 -12.43
C6 H2U A 16 0.11 14.52 -11.21
P M2G A 25 -11.36 -12.33 -8.40
OP1 M2G A 25 -11.90 -13.51 -9.14
OP2 M2G A 25 -12.45 -11.38 -8.02
O5' M2G A 25 -10.35 -12.69 -7.23
C5' M2G A 25 -10.79 -13.43 -6.06
C4' M2G A 25 -9.64 -13.35 -5.08
O4' M2G A 25 -9.07 -12.06 -5.11
C3' M2G A 25 -10.04 -13.58 -3.63
O3' M2G A 25 -10.16 -14.96 -3.27
C2' M2G A 25 -8.91 -12.87 -2.88
O2' M2G A 25 -7.81 -13.76 -2.84
C1' M2G A 25 -8.64 -11.68 -3.77
N9 M2G A 25 -9.43 -10.55 -3.29
C8 M2G A 25 -10.38 -9.86 -4.01
N7 M2G A 25 -10.96 -8.89 -3.33
C5 M2G A 25 -10.33 -8.95 -2.09
C6 M2G A 25 -10.53 -8.16 -0.93
O6 M2G A 25 -11.31 -7.22 -0.78
N1 M2G A 25 -9.73 -8.52 0.14
C2 M2G A 25 -8.84 -9.54 0.06
N2 M2G A 25 -8.10 -9.84 1.11
N3 M2G A 25 -8.63 -10.32 -1.00
C4 M2G A 25 -9.41 -9.96 -2.05
CM1 M2G A 25 -7.22 -10.94 0.88
CM2 M2G A 25 -8.27 -9.07 2.28
P T6A A 36 -20.66 -18.21 -10.31
OP1 T6A A 36 -20.96 -19.69 -10.49
OP2 T6A A 36 -20.44 -17.90 -8.88
O5' T6A A 36 -19.51 -17.74 -11.35
C5' T6A A 36 -18.35 -18.59 -11.53
C4' T6A A 36 -17.69 -18.21 -12.85
O4' T6A A 36 -17.52 -19.36 -13.65
C3' T6A A 36 -18.43 -17.17 -13.68
O3' T6A A 36 -18.11 -15.85 -13.38
C2' T6A A 36 -18.22 -17.65 -15.11
O2' T6A A 36 -17.01 -17.03 -15.58
C1' T6A A 36 -18.05 -19.15 -14.96
N9 T6A A 36 -19.15 -20.01 -15.27
C8 T6A A 36 -19.74 -20.14 -16.51
N7 T6A A 36 -20.72 -21.01 -16.53
C5 T6A A 36 -20.80 -21.47 -15.21
C6 T6A A 36 -21.66 -22.42 -14.58
N6 T6A A 36 -22.61 -23.02 -15.31
N1 T6A A 36 -21.50 -22.66 -13.28
C2 T6A A 36 -20.51 -21.99 -12.63
N3 T6A A 36 -19.64 -21.08 -13.12
C4 T6A A 36 -19.82 -20.86 -14.42
C10 T6A A 36 -23.62 -23.94 -15.14
O10 T6A A 36 -24.28 -24.21 -16.18
N11 T6A A 36 -23.89 -24.54 -14.02
C12 T6A A 36 -24.88 -25.47 -13.73
C13 T6A A 36 -25.60 -25.49 -12.40
ODA T6A A 36 -26.18 -24.34 -12.50
ODB T6A A 36 -25.67 -26.28 -11.49
C14 T6A A 36 -24.62 -26.78 -14.33
O14 T6A A 36 -25.75 -26.76 -15.04
C15 T6A A 36 -23.80 -27.63 -13.55
P 7MG A 45 -4.89 -2.79 9.21
OP1 7MG A 45 -3.92 -3.22 10.27
OP2 7MG A 45 -6.05 -2.01 9.68
O5' 7MG A 45 -4.10 -2.04 8.01
C5' 7MG A 45 -3.42 -2.87 7.04
C4' 7MG A 45 -2.27 -2.08 6.44
O4' 7MG A 45 -2.65 -1.42 5.27
C3' 7MG A 45 -1.60 -1.07 7.34
O3' 7MG A 45 -0.16 -1.06 7.11
C2' 7MG A 45 -2.22 0.25 6.85
O2' 7MG A 45 -1.28 1.26 7.18
C1' 7MG A 45 -2.33 0.00 5.38
N9 7MG A 45 -3.40 0.77 4.73
C8 7MG A 45 -4.39 1.53 5.28
N7 7MG A 45 -5.18 2.08 4.39
C5 7MG A 45 -4.68 1.64 3.17
C6 7MG A 45 -5.11 1.88 1.84
O6 7MG A 45 -6.05 2.58 1.47
N1 7MG A 45 -4.36 1.28 0.88
C2 7MG A 45 -3.30 0.48 1.18
N2 7MG A 45 -2.69 -0.02 0.09
N3 7MG A 45 -2.85 0.22 2.41
C4 7MG A 45 -3.58 0.83 3.36
CM7 7MG A 45 -6.31 2.94 4.54
P H2U A 46 0.80 -1.11 8.42
OP1 H2U A 46 0.93 -2.47 9.05
OP2 H2U A 46 0.15 -0.06 9.29
O5' H2U A 46 2.23 -0.63 7.90
C5' H2U A 46 2.31 0.76 7.53
C4' H2U A 46 2.43 1.62 8.78
O4' H2U A 46 3.11 1.00 9.84
C3' H2U A 46 3.15 2.92 8.49
O3' H2U A 46 2.49 4.15 8.49
C1' H2U A 46 4.22 1.84 10.28
C2' H2U A 46 4.49 2.77 9.12
O2' H2U A 46 5.07 4.00 9.42
N1 H2U A 46 5.34 0.94 10.60
C2 H2U A 46 6.34 0.79 9.74
O2 H2U A 46 6.55 1.31 8.65
N3 H2U A 46 7.38 -0.10 10.11
C4 H2U A 46 7.45 -0.82 11.25
O4 H2U A 46 8.42 -1.55 11.42
C5 H2U A 46 6.32 -0.65 12.19
C6 H2U A 46 5.06 -0.15 11.53
P 5MC A 47 2.26 4.47 6.91
OP1 5MC A 47 2.37 5.90 6.56
OP2 5MC A 47 0.97 3.81 6.54
O5' 5MC A 47 3.45 3.64 6.20
C5' 5MC A 47 4.11 4.49 5.23
C4' 5MC A 47 3.77 3.91 3.88
O4' 5MC A 47 2.42 3.99 3.58
C3' 5MC A 47 4.55 4.52 2.72
O3' 5MC A 47 5.05 3.56 1.79
C2' 5MC A 47 3.47 5.41 2.08
O2' 5MC A 47 3.86 5.56 0.73
C1' 5MC A 47 2.22 4.56 2.26
N1 5MC A 47 1.10 5.53 2.25
C2 5MC A 47 0.70 6.01 1.03
O2 5MC A 47 1.24 5.64 -0.01
N3 5MC A 47 -0.32 6.91 1.01
C4 5MC A 47 -0.93 7.32 2.16
N4 5MC A 47 -1.92 8.20 2.09
C5 5MC A 47 -0.49 6.81 3.40
C6 5MC A 47 0.51 5.93 3.41
CM5 5MC A 47 -1.15 7.23 4.68
P 5MC A 48 6.61 3.60 1.33
OP1 5MC A 48 7.24 4.93 1.66
OP2 5MC A 48 6.41 3.31 -0.10
O5' 5MC A 48 7.21 2.51 2.28
C5' 5MC A 48 7.47 2.94 3.65
C4' 5MC A 48 8.34 1.83 4.19
O4' 5MC A 48 9.05 1.22 3.10
C3' 5MC A 48 9.45 2.31 5.13
O3' 5MC A 48 9.06 2.33 6.51
C2' 5MC A 48 10.48 1.17 4.97
O2' 5MC A 48 9.81 0.08 5.65
C1' 5MC A 48 10.42 0.95 3.48
N1 5MC A 48 11.22 1.97 2.75
C2 5MC A 48 12.36 2.48 3.28
O2 5MC A 48 12.78 2.14 4.37
N3 5MC A 48 13.04 3.42 2.55
C4 5MC A 48 12.63 3.83 1.34
N4 5MC A 48 13.31 4.74 0.67
C5 5MC A 48 11.44 3.29 0.79
C6 5MC A 48 10.78 2.37 1.52
CM5 5MC A 48 10.94 3.72 -0.55
P 1MA A 57 3.50 18.15 6.29
OP1 1MA A 57 3.43 17.14 7.40
OP2 1MA A 57 4.73 18.91 6.30
O5' 1MA A 57 3.06 17.57 4.85
C5' 1MA A 57 2.11 16.56 5.20
C4' 1MA A 57 1.81 15.84 3.95
O4' 1MA A 57 1.93 16.53 2.76
C3' 1MA A 57 2.38 14.47 3.76
O3' 1MA A 57 1.79 13.42 4.43
C2' 1MA A 57 2.79 14.39 2.33
O2' 1MA A 57 1.65 13.50 1.83
C1' 1MA A 57 2.39 15.66 1.64
N9 1MA A 57 3.57 16.45 1.26
C8 1MA A 57 4.53 16.87 2.16
N7 1MA A 57 5.48 17.58 1.61
C5 1MA A 57 5.13 17.63 0.27
C6 1MA A 57 5.77 18.22 -0.83
N6 1MA A 57 6.89 18.92 -0.76
N1 1MA A 57 5.14 18.07 -2.02
CM1 1MA A 57 5.72 18.67 -3.20
C2 1MA A 57 3.97 17.38 -2.12
N3 1MA A 57 3.33 16.78 -1.13
C4 1MA A 57 3.96 16.94 0.05
P RIA A 63 22.71 12.35 0.25
OP1 RIA A 63 24.15 12.45 -0.09
OP2 RIA A 63 21.92 11.90 -0.89
O5A RIA A 63 22.41 11.62 1.65
C5A RIA A 63 23.50 11.89 2.59
C4A RIA A 63 23.16 11.10 3.84
O4' RIA A 63 21.85 11.44 4.24
C3A RIA A 63 23.06 9.59 3.63
O3A RIA A 63 24.33 8.94 3.67
C2A RIA A 63 22.16 9.18 4.79
O2A RIA A 63 23.00 9.18 5.93
C1A RIA A 63 21.18 10.33 4.84
N9 RIA A 63 20.02 9.96 4.01
C8 RIA A 63 19.77 10.29 2.71
N7 RIA A 63 18.64 9.80 2.25
C5 RIA A 63 18.14 9.11 3.33
C6 RIA A 63 16.95 8.37 3.50
N6 RIA A 63 16.03 8.18 2.53
N1 RIA A 63 16.73 7.80 4.72
C2 RIA A 63 17.67 7.98 5.71
N3 RIA A 63 18.81 8.67 5.63
C4 RIA A 63 18.96 9.20 4.42
C1' RIA A 63 23.00 8.35 7.05
O1' RIA A 63 21.99 8.91 7.83
C2' RIA A 63 24.35 8.85 7.57
O2' RIA A 63 24.76 7.99 8.62
C3' RIA A 63 23.93 10.20 8.13
O3' RIA A 63 24.79 10.76 9.13
C4' RIA A 63 22.57 9.85 8.71
C5' RIA A 63 21.57 10.95 8.73
O5' RIA A 63 21.93 11.99 9.57
P' RIA A 63 20.95 13.19 9.47
O1X RIA A 63 20.38 13.87 10.66
O2X RIA A 63 19.86 12.54 8.68
O3X RIA A 63 21.42 14.26 8.70
#